data_4MN5
#
_entry.id   4MN5
#
_cell.length_a   58.820
_cell.length_b   60.510
_cell.length_c   84.500
_cell.angle_alpha   90.00
_cell.angle_beta   90.00
_cell.angle_gamma   90.00
#
_symmetry.space_group_name_H-M   'P 21 21 21'
#
loop_
_entity.id
_entity.type
_entity.pdbx_description
1 polymer 'Sensor protein kinase WalK'
2 non-polymer 'ZINC ION'
3 water water
#
_entity_poly.entity_id   1
_entity_poly.type   'polypeptide(L)'
_entity_poly.pdbx_seq_one_letter_code
;GSVQEAQANTESEKRRLDSVITH(MSE)SDGIIATDRRGRIRIVND(MSE)ALK(MSE)LG(MSE)AKEDIIGYY(MSE)
LSVLSLEDEFKLEEIQENNDSFLLDLNEEEGLIARVNFSTIVQETGFVTGYIAVLHDVTEQQQVERER
;
_entity_poly.pdbx_strand_id   A,B
#
loop_
_chem_comp.id
_chem_comp.type
_chem_comp.name
_chem_comp.formula
ZN non-polymer 'ZINC ION' 'Zn 2'
#
# COMPACT_ATOMS: atom_id res chain seq x y z
N ARG A 15 -9.14 2.08 -9.46
CA ARG A 15 -8.15 3.12 -9.76
C ARG A 15 -6.99 3.14 -8.77
N ARG A 16 -6.85 4.26 -8.06
CA ARG A 16 -5.73 4.46 -7.13
C ARG A 16 -5.69 3.41 -6.03
N LEU A 17 -6.87 3.01 -5.53
CA LEU A 17 -6.93 1.98 -4.50
C LEU A 17 -6.76 0.57 -5.07
N ASP A 18 -5.62 -0.05 -4.76
CA ASP A 18 -5.37 -1.43 -5.16
C ASP A 18 -5.68 -2.37 -4.00
N SER A 19 -6.68 -3.22 -4.18
CA SER A 19 -7.09 -4.12 -3.12
C SER A 19 -6.24 -5.38 -3.11
N VAL A 20 -5.03 -5.31 -3.66
CA VAL A 20 -4.08 -6.41 -3.55
C VAL A 20 -3.81 -6.69 -2.07
N ILE A 21 -3.75 -7.98 -1.71
CA ILE A 21 -3.57 -8.37 -0.31
C ILE A 21 -2.11 -8.29 0.11
N THR A 22 -1.85 -7.61 1.23
CA THR A 22 -0.48 -7.33 1.68
C THR A 22 -0.31 -7.51 3.18
N HIS A 23 0.86 -7.96 3.60
CA HIS A 23 1.16 -8.16 5.02
C HIS A 23 2.41 -7.41 5.43
N MSE A 24 2.50 -7.13 6.73
CA MSE A 24 3.65 -6.48 7.33
C MSE A 24 4.98 -7.17 7.01
O MSE A 24 6.02 -6.52 6.82
CB MSE A 24 3.44 -6.40 8.85
CG MSE A 24 4.68 -6.06 9.66
SE MSE A 24 5.11 -4.16 9.76
CE MSE A 24 6.09 -4.18 11.46
N SER A 25 4.96 -8.50 6.93
CA SER A 25 6.17 -9.27 6.67
C SER A 25 6.46 -9.50 5.18
N ASP A 26 5.65 -8.91 4.30
CA ASP A 26 5.83 -9.13 2.87
C ASP A 26 6.98 -8.34 2.27
N GLY A 27 7.71 -8.97 1.34
CA GLY A 27 8.58 -8.20 0.50
C GLY A 27 7.69 -7.35 -0.38
N ILE A 28 8.10 -6.12 -0.63
CA ILE A 28 7.36 -5.27 -1.56
C ILE A 28 8.34 -4.61 -2.50
N ILE A 29 8.01 -4.62 -3.78
CA ILE A 29 8.79 -3.94 -4.80
C ILE A 29 7.85 -3.07 -5.60
N ALA A 30 8.27 -1.84 -5.90
CA ALA A 30 7.46 -0.97 -6.75
C ALA A 30 8.37 -0.40 -7.83
N THR A 31 7.82 -0.23 -9.03
CA THR A 31 8.61 0.21 -10.18
C THR A 31 8.06 1.47 -10.82
N ASP A 32 8.77 1.95 -11.84
CA ASP A 32 8.26 3.00 -12.71
C ASP A 32 7.53 2.34 -13.86
N ARG A 33 7.20 3.12 -14.88
CA ARG A 33 6.45 2.57 -16.02
C ARG A 33 7.27 1.56 -16.83
N ARG A 34 8.59 1.64 -16.73
CA ARG A 34 9.48 0.75 -17.48
C ARG A 34 9.77 -0.53 -16.69
N GLY A 35 9.16 -0.67 -15.53
CA GLY A 35 9.38 -1.83 -14.70
C GLY A 35 10.74 -1.83 -14.00
N ARG A 36 11.34 -0.65 -13.87
CA ARG A 36 12.60 -0.51 -13.14
C ARG A 36 12.27 -0.21 -11.69
N ILE A 37 12.95 -0.90 -10.78
CA ILE A 37 12.65 -0.81 -9.36
C ILE A 37 12.98 0.56 -8.78
N ARG A 38 12.00 1.16 -8.10
CA ARG A 38 12.22 2.47 -7.50
C ARG A 38 12.01 2.42 -5.98
N ILE A 39 11.27 1.41 -5.52
CA ILE A 39 11.12 1.16 -4.10
C ILE A 39 11.22 -0.34 -3.83
N VAL A 40 12.04 -0.69 -2.85
CA VAL A 40 12.09 -2.06 -2.36
C VAL A 40 12.30 -2.04 -0.85
N ASN A 41 11.47 -2.76 -0.09
CA ASN A 41 11.60 -2.73 1.36
C ASN A 41 12.63 -3.71 1.89
N ASP A 42 12.93 -3.62 3.18
CA ASP A 42 13.96 -4.43 3.80
C ASP A 42 13.65 -5.92 3.68
N MSE A 43 12.38 -6.26 3.78
CA MSE A 43 12.02 -7.66 3.71
C MSE A 43 12.34 -8.27 2.34
O MSE A 43 12.85 -9.38 2.24
CB MSE A 43 10.55 -7.85 4.05
CG MSE A 43 10.15 -9.31 4.08
SE MSE A 43 11.22 -10.39 5.35
CE MSE A 43 11.10 -9.17 6.88
N ALA A 44 12.07 -7.51 1.28
CA ALA A 44 12.33 -7.98 -0.06
C ALA A 44 13.83 -8.20 -0.27
N LEU A 45 14.65 -7.30 0.27
CA LEU A 45 16.10 -7.43 0.13
C LEU A 45 16.54 -8.72 0.82
N LYS A 46 15.99 -8.93 2.01
CA LYS A 46 16.26 -10.12 2.80
C LYS A 46 15.93 -11.41 2.04
N MSE A 47 14.73 -11.48 1.48
CA MSE A 47 14.28 -12.65 0.72
C MSE A 47 15.13 -12.90 -0.53
O MSE A 47 15.43 -14.05 -0.86
CB MSE A 47 12.82 -12.49 0.28
CG MSE A 47 11.83 -12.38 1.42
SE MSE A 47 9.99 -12.11 0.76
CE MSE A 47 9.05 -12.32 2.45
N LEU A 48 15.50 -11.82 -1.21
CA LEU A 48 16.28 -11.91 -2.43
C LEU A 48 17.75 -12.19 -2.14
N GLY A 49 18.19 -11.88 -0.92
CA GLY A 49 19.60 -12.00 -0.57
C GLY A 49 20.44 -11.06 -1.41
N MSE A 50 19.98 -9.82 -1.53
CA MSE A 50 20.64 -8.85 -2.40
CA MSE A 50 20.65 -8.86 -2.41
C MSE A 50 20.75 -7.49 -1.75
O MSE A 50 19.91 -7.12 -0.93
CB MSE A 50 19.86 -8.71 -3.71
CB MSE A 50 19.90 -8.75 -3.75
CG MSE A 50 19.89 -9.95 -4.58
CG MSE A 50 19.71 -10.09 -4.49
SE MSE A 50 21.63 -10.21 -5.38
SE MSE A 50 18.66 -10.01 -6.15
CE MSE A 50 21.64 -8.69 -6.59
CE MSE A 50 20.01 -9.26 -7.36
N ALA A 51 21.79 -6.74 -2.11
CA ALA A 51 21.97 -5.39 -1.59
C ALA A 51 21.13 -4.41 -2.39
N LYS A 52 20.54 -3.45 -1.70
CA LYS A 52 19.67 -2.45 -2.31
C LYS A 52 20.27 -1.83 -3.57
N GLU A 53 21.59 -1.64 -3.54
CA GLU A 53 22.32 -1.00 -4.63
C GLU A 53 22.32 -1.85 -5.90
N ASP A 54 22.15 -3.16 -5.73
CA ASP A 54 22.09 -4.05 -6.88
C ASP A 54 20.65 -4.30 -7.33
N ILE A 55 19.73 -3.56 -6.72
CA ILE A 55 18.30 -3.77 -6.94
C ILE A 55 17.64 -2.51 -7.51
N ILE A 56 17.82 -1.38 -6.83
CA ILE A 56 17.26 -0.11 -7.26
C ILE A 56 17.70 0.25 -8.68
N GLY A 57 16.73 0.49 -9.55
CA GLY A 57 17.05 0.88 -10.91
C GLY A 57 17.17 -0.28 -11.89
N TYR A 58 17.14 -1.51 -11.40
CA TYR A 58 17.18 -2.67 -12.27
C TYR A 58 15.74 -3.12 -12.57
N TYR A 59 15.56 -3.85 -13.66
CA TYR A 59 14.23 -4.33 -14.03
C TYR A 59 13.76 -5.31 -12.98
N MSE A 60 12.52 -5.11 -12.51
CA MSE A 60 11.89 -6.03 -11.56
C MSE A 60 11.87 -7.46 -12.05
O MSE A 60 12.15 -8.39 -11.29
CB MSE A 60 10.45 -5.57 -11.27
CG MSE A 60 9.61 -6.58 -10.45
SE MSE A 60 7.79 -5.85 -10.20
CE MSE A 60 7.11 -5.92 -12.01
N LEU A 61 11.55 -7.66 -13.32
CA LEU A 61 11.44 -9.01 -13.87
C LEU A 61 12.80 -9.68 -14.02
N SER A 62 13.86 -8.88 -14.16
CA SER A 62 15.23 -9.41 -14.18
C SER A 62 15.64 -9.80 -12.78
N VAL A 63 15.41 -8.88 -11.84
CA VAL A 63 15.65 -9.13 -10.42
C VAL A 63 14.93 -10.38 -9.91
N LEU A 64 13.75 -10.68 -10.45
CA LEU A 64 12.98 -11.86 -10.02
C LEU A 64 13.25 -13.07 -10.90
N SER A 65 14.23 -12.95 -11.79
CA SER A 65 14.62 -14.02 -12.72
C SER A 65 13.43 -14.51 -13.55
N LEU A 66 12.62 -13.57 -14.03
CA LEU A 66 11.43 -13.93 -14.78
C LEU A 66 11.46 -13.50 -16.23
N GLU A 67 12.54 -12.86 -16.69
CA GLU A 67 12.51 -12.23 -18.00
C GLU A 67 12.22 -13.22 -19.13
N ASP A 68 12.55 -14.49 -18.88
CA ASP A 68 12.27 -15.59 -19.78
C ASP A 68 10.80 -15.96 -19.83
N GLU A 69 10.08 -15.68 -18.75
CA GLU A 69 8.78 -16.31 -18.48
C GLU A 69 7.60 -15.36 -18.56
N PHE A 70 7.86 -14.08 -18.33
CA PHE A 70 6.80 -13.14 -18.02
C PHE A 70 7.16 -11.78 -18.58
N LYS A 71 6.17 -11.07 -19.12
CA LYS A 71 6.39 -9.73 -19.66
C LYS A 71 5.57 -8.74 -18.87
N LEU A 72 6.06 -7.49 -18.83
CA LEU A 72 5.36 -6.43 -18.13
C LEU A 72 3.93 -6.25 -18.65
N GLU A 73 3.73 -6.43 -19.95
CA GLU A 73 2.41 -6.31 -20.58
C GLU A 73 1.36 -7.20 -19.97
N GLU A 74 1.77 -8.36 -19.46
CA GLU A 74 0.80 -9.33 -18.96
C GLU A 74 0.20 -8.96 -17.61
N ILE A 75 0.90 -8.12 -16.84
CA ILE A 75 0.49 -7.81 -15.47
C ILE A 75 -0.97 -7.33 -15.35
N GLN A 76 -1.34 -6.35 -16.15
CA GLN A 76 -2.68 -5.75 -16.08
C GLN A 76 -3.82 -6.77 -16.17
N GLU A 77 -3.78 -7.64 -17.16
CA GLU A 77 -4.85 -8.63 -17.35
C GLU A 77 -4.62 -9.94 -16.59
N ASN A 78 -3.48 -10.05 -15.92
CA ASN A 78 -3.17 -11.23 -15.13
C ASN A 78 -3.72 -11.13 -13.70
N ASN A 79 -4.13 -12.26 -13.15
CA ASN A 79 -4.59 -12.30 -11.77
C ASN A 79 -3.81 -13.35 -10.98
N ASP A 80 -3.12 -14.22 -11.71
CA ASP A 80 -2.45 -15.37 -11.13
C ASP A 80 -1.27 -14.98 -10.25
N SER A 81 -1.16 -15.63 -9.09
CA SER A 81 0.06 -15.57 -8.28
C SER A 81 0.96 -16.75 -8.60
N PHE A 82 2.27 -16.59 -8.45
CA PHE A 82 3.24 -17.62 -8.87
C PHE A 82 4.24 -17.99 -7.78
N LEU A 83 4.66 -19.24 -7.76
CA LEU A 83 5.65 -19.66 -6.78
C LEU A 83 7.00 -19.41 -7.39
N LEU A 84 7.90 -18.82 -6.62
CA LEU A 84 9.23 -18.50 -7.11
C LEU A 84 10.30 -18.89 -6.10
N ASP A 85 11.44 -19.37 -6.57
CA ASP A 85 12.55 -19.67 -5.67
C ASP A 85 13.41 -18.42 -5.61
N LEU A 86 13.56 -17.85 -4.42
CA LEU A 86 14.34 -16.63 -4.27
C LEU A 86 15.70 -16.93 -3.64
N GLY A 91 16.88 -21.41 -1.19
CA GLY A 91 16.45 -21.02 0.15
C GLY A 91 14.94 -20.82 0.32
N LEU A 92 14.44 -19.66 -0.09
CA LEU A 92 13.06 -19.29 0.24
C LEU A 92 12.10 -19.47 -0.93
N ILE A 93 10.94 -20.04 -0.65
CA ILE A 93 9.90 -20.13 -1.66
C ILE A 93 8.89 -19.01 -1.40
N ALA A 94 8.75 -18.10 -2.36
CA ALA A 94 7.78 -17.03 -2.20
C ALA A 94 6.63 -17.17 -3.18
N ARG A 95 5.44 -16.78 -2.72
CA ARG A 95 4.33 -16.59 -3.62
C ARG A 95 4.37 -15.13 -4.10
N VAL A 96 4.51 -14.93 -5.39
CA VAL A 96 4.54 -13.58 -5.93
C VAL A 96 3.24 -13.19 -6.57
N ASN A 97 2.75 -12.01 -6.23
CA ASN A 97 1.57 -11.44 -6.87
C ASN A 97 1.94 -10.09 -7.45
N PHE A 98 1.67 -9.88 -8.73
CA PHE A 98 1.96 -8.61 -9.38
C PHE A 98 0.72 -7.77 -9.51
N SER A 99 0.87 -6.46 -9.44
CA SER A 99 -0.26 -5.59 -9.68
C SER A 99 0.21 -4.28 -10.32
N THR A 100 -0.73 -3.52 -10.85
CA THR A 100 -0.41 -2.24 -11.46
C THR A 100 -0.61 -1.10 -10.47
N ILE A 101 0.09 -0.01 -10.69
CA ILE A 101 -0.17 1.22 -9.96
C ILE A 101 -0.86 2.12 -10.97
N VAL A 102 -2.10 2.50 -10.65
CA VAL A 102 -2.94 3.24 -11.57
C VAL A 102 -3.29 4.61 -10.97
N GLN A 103 -3.17 5.65 -11.78
CA GLN A 103 -3.49 7.00 -11.34
C GLN A 103 -4.97 7.31 -11.55
N GLU A 104 -5.38 8.50 -11.13
CA GLU A 104 -6.80 8.89 -11.11
C GLU A 104 -7.53 8.71 -12.44
N THR A 105 -6.79 8.82 -13.54
CA THR A 105 -7.39 8.80 -14.86
C THR A 105 -7.30 7.43 -15.54
N GLY A 106 -6.93 6.40 -14.77
CA GLY A 106 -6.82 5.06 -15.30
C GLY A 106 -5.47 4.73 -15.91
N PHE A 107 -4.57 5.70 -15.98
CA PHE A 107 -3.28 5.50 -16.62
C PHE A 107 -2.26 4.80 -15.70
N VAL A 108 -1.63 3.75 -16.22
CA VAL A 108 -0.70 2.93 -15.45
C VAL A 108 0.60 3.67 -15.24
N THR A 109 1.07 3.72 -13.98
CA THR A 109 2.27 4.50 -13.67
C THR A 109 3.45 3.63 -13.19
N GLY A 110 3.21 2.34 -13.02
CA GLY A 110 4.22 1.47 -12.48
C GLY A 110 3.60 0.17 -12.03
N TYR A 111 4.40 -0.67 -11.37
CA TYR A 111 4.01 -2.02 -11.02
C TYR A 111 4.47 -2.36 -9.61
N ILE A 112 3.79 -3.33 -9.02
CA ILE A 112 4.06 -3.77 -7.66
C ILE A 112 4.24 -5.27 -7.69
N ALA A 113 5.30 -5.76 -7.06
CA ALA A 113 5.36 -7.17 -6.71
C ALA A 113 5.22 -7.30 -5.19
N VAL A 114 4.36 -8.23 -4.77
CA VAL A 114 4.23 -8.54 -3.36
C VAL A 114 4.76 -9.95 -3.19
N LEU A 115 5.76 -10.09 -2.33
CA LEU A 115 6.37 -11.38 -2.08
C LEU A 115 5.86 -11.90 -0.74
N HIS A 116 5.10 -12.99 -0.78
CA HIS A 116 4.59 -13.62 0.43
C HIS A 116 5.46 -14.84 0.70
N ASP A 117 6.14 -14.87 1.83
CA ASP A 117 6.76 -16.11 2.28
C ASP A 117 5.68 -17.19 2.38
N VAL A 118 5.94 -18.32 1.74
CA VAL A 118 4.99 -19.43 1.66
C VAL A 118 4.68 -20.03 3.05
N THR A 119 5.61 -19.85 4.01
CA THR A 119 5.42 -20.36 5.36
C THR A 119 4.74 -19.34 6.29
N GLU A 120 4.32 -18.22 5.72
CA GLU A 120 3.49 -17.24 6.43
C GLU A 120 2.32 -17.85 7.18
N GLN A 121 2.00 -17.26 8.33
CA GLN A 121 0.84 -17.63 9.15
C GLN A 121 0.84 -19.12 9.55
N LEU B 17 -9.32 -5.92 15.55
CA LEU B 17 -8.17 -5.13 15.98
C LEU B 17 -7.04 -5.04 14.95
N ASP B 18 -7.02 -5.99 14.01
CA ASP B 18 -5.95 -6.02 13.01
C ASP B 18 -5.93 -4.71 12.22
N SER B 19 -7.11 -4.16 11.95
CA SER B 19 -7.21 -2.94 11.16
C SER B 19 -6.56 -1.75 11.85
N VAL B 20 -6.40 -1.81 13.16
CA VAL B 20 -5.89 -0.67 13.91
C VAL B 20 -4.56 -0.95 14.59
N ILE B 21 -3.91 -2.03 14.18
CA ILE B 21 -2.52 -2.24 14.57
C ILE B 21 -1.70 -1.07 14.03
N THR B 22 -0.82 -0.51 14.86
CA THR B 22 -0.08 0.68 14.51
C THR B 22 1.36 0.60 14.94
N HIS B 23 2.17 1.38 14.24
CA HIS B 23 3.60 1.43 14.45
C HIS B 23 3.96 2.92 14.54
N MSE B 24 5.10 3.21 15.14
CA MSE B 24 5.56 4.59 15.37
C MSE B 24 5.67 5.44 14.12
O MSE B 24 5.46 6.64 14.15
CB MSE B 24 6.95 4.55 16.04
CG MSE B 24 6.94 4.19 17.52
SE MSE B 24 7.40 5.70 18.67
CE MSE B 24 5.85 6.85 18.32
N SER B 25 6.03 4.81 13.01
CA SER B 25 6.24 5.55 11.77
C SER B 25 4.95 5.81 10.99
N ASP B 26 3.82 5.30 11.47
CA ASP B 26 2.55 5.36 10.72
C ASP B 26 1.90 6.72 10.68
N GLY B 27 1.36 7.08 9.52
CA GLY B 27 0.41 8.17 9.47
C GLY B 27 -0.90 7.71 10.12
N ILE B 28 -1.59 8.63 10.78
CA ILE B 28 -2.89 8.32 11.38
C ILE B 28 -3.86 9.46 11.11
N ILE B 29 -5.03 9.11 10.60
CA ILE B 29 -6.11 10.06 10.38
C ILE B 29 -7.37 9.53 11.08
N ALA B 30 -8.01 10.37 11.88
CA ALA B 30 -9.31 10.01 12.47
C ALA B 30 -10.35 11.08 12.14
N THR B 31 -11.59 10.66 11.90
CA THR B 31 -12.62 11.58 11.44
C THR B 31 -13.83 11.62 12.39
N ASP B 32 -14.71 12.59 12.18
CA ASP B 32 -16.01 12.55 12.86
C ASP B 32 -16.92 11.56 12.14
N ARG B 33 -18.18 11.53 12.59
CA ARG B 33 -19.19 10.62 12.07
C ARG B 33 -19.46 10.80 10.57
N ARG B 34 -19.15 11.98 10.05
CA ARG B 34 -19.39 12.25 8.63
C ARG B 34 -18.13 12.13 7.78
N GLY B 35 -17.06 11.63 8.38
CA GLY B 35 -15.84 11.38 7.64
C GLY B 35 -14.99 12.63 7.44
N ARG B 36 -15.23 13.66 8.26
CA ARG B 36 -14.42 14.86 8.25
C ARG B 36 -13.30 14.73 9.29
N ILE B 37 -12.08 15.01 8.86
CA ILE B 37 -10.89 14.80 9.70
C ILE B 37 -10.88 15.66 10.96
N ARG B 38 -10.74 15.01 12.11
CA ARG B 38 -10.68 15.71 13.38
C ARG B 38 -9.33 15.55 14.07
N ILE B 39 -8.55 14.55 13.65
CA ILE B 39 -7.24 14.27 14.21
C ILE B 39 -6.33 13.79 13.07
N VAL B 40 -5.13 14.35 13.00
CA VAL B 40 -4.14 13.88 12.02
C VAL B 40 -2.75 14.05 12.64
N ASN B 41 -1.95 12.99 12.63
CA ASN B 41 -0.64 13.06 13.28
C ASN B 41 0.43 13.67 12.37
N ASP B 42 1.60 13.98 12.91
CA ASP B 42 2.63 14.64 12.10
C ASP B 42 3.11 13.75 10.96
N MSE B 43 3.23 12.45 11.19
CA MSE B 43 3.63 11.53 10.13
CA MSE B 43 3.66 11.58 10.11
C MSE B 43 2.70 11.63 8.92
O MSE B 43 3.15 11.67 7.77
CB MSE B 43 3.65 10.08 10.64
CB MSE B 43 3.82 10.13 10.54
CG MSE B 43 4.59 9.82 11.80
CG MSE B 43 4.34 9.28 9.41
SE MSE B 43 6.48 9.95 11.34
SE MSE B 43 6.05 9.95 8.70
CE MSE B 43 7.24 9.33 13.02
CE MSE B 43 7.04 9.99 10.37
N ALA B 44 1.39 11.68 9.19
CA ALA B 44 0.41 11.74 8.12
C ALA B 44 0.58 13.03 7.31
N LEU B 45 0.75 14.14 8.01
CA LEU B 45 1.04 15.41 7.34
C LEU B 45 2.27 15.30 6.45
N LYS B 46 3.33 14.71 6.97
CA LYS B 46 4.56 14.57 6.18
C LYS B 46 4.39 13.64 4.98
N MSE B 47 3.56 12.60 5.11
CA MSE B 47 3.35 11.71 3.96
C MSE B 47 2.56 12.40 2.86
O MSE B 47 2.84 12.23 1.67
CB MSE B 47 2.64 10.43 4.39
CG MSE B 47 3.48 9.49 5.23
SE MSE B 47 2.34 7.99 5.86
CE MSE B 47 3.64 6.95 6.78
N LEU B 48 1.56 13.18 3.27
CA LEU B 48 0.67 13.87 2.34
C LEU B 48 1.30 15.16 1.82
N GLY B 49 2.36 15.63 2.48
CA GLY B 49 2.97 16.90 2.12
C GLY B 49 1.96 18.03 2.24
N MSE B 50 1.22 18.04 3.34
CA MSE B 50 0.20 19.06 3.57
CA MSE B 50 0.22 19.07 3.56
C MSE B 50 0.31 19.58 4.98
O MSE B 50 0.86 18.94 5.86
CB MSE B 50 -1.21 18.48 3.34
CB MSE B 50 -1.18 18.56 3.26
CG MSE B 50 -1.44 17.75 2.03
CG MSE B 50 -1.40 18.15 1.81
SE MSE B 50 -3.30 17.11 1.86
SE MSE B 50 -1.37 19.63 0.55
CE MSE B 50 -3.08 15.74 0.50
CE MSE B 50 -2.92 20.61 1.19
N ALA B 51 -0.24 20.78 5.20
CA ALA B 51 -0.24 21.38 6.53
C ALA B 51 -1.53 21.04 7.26
N LYS B 52 -1.46 20.97 8.58
CA LYS B 52 -2.58 20.58 9.42
C LYS B 52 -3.85 21.40 9.16
N GLU B 53 -3.68 22.63 8.71
CA GLU B 53 -4.81 23.54 8.51
C GLU B 53 -5.51 23.29 7.18
N ASP B 54 -4.84 22.62 6.25
CA ASP B 54 -5.47 22.30 4.96
C ASP B 54 -6.07 20.89 4.99
N ILE B 55 -6.34 20.39 6.19
CA ILE B 55 -6.75 19.00 6.36
C ILE B 55 -7.84 18.86 7.42
N ILE B 56 -7.65 19.52 8.55
CA ILE B 56 -8.62 19.49 9.63
C ILE B 56 -9.99 20.01 9.17
N GLY B 57 -11.04 19.27 9.51
CA GLY B 57 -12.39 19.67 9.14
C GLY B 57 -12.70 19.38 7.69
N TYR B 58 -11.74 18.85 6.95
CA TYR B 58 -11.97 18.43 5.58
C TYR B 58 -12.25 16.93 5.52
N TYR B 59 -13.00 16.53 4.49
CA TYR B 59 -13.33 15.12 4.30
C TYR B 59 -12.09 14.27 4.03
N MSE B 60 -11.95 13.20 4.81
CA MSE B 60 -10.78 12.33 4.73
C MSE B 60 -10.55 11.78 3.32
O MSE B 60 -9.44 11.83 2.81
CB MSE B 60 -10.91 11.17 5.72
CG MSE B 60 -9.85 10.09 5.56
SE MSE B 60 -10.11 8.58 6.79
CE MSE B 60 -11.83 7.97 6.14
N LEU B 61 -11.61 11.28 2.70
CA LEU B 61 -11.49 10.67 1.38
C LEU B 61 -11.16 11.69 0.28
N SER B 62 -11.56 12.94 0.49
CA SER B 62 -11.23 13.99 -0.47
C SER B 62 -9.79 14.42 -0.28
N VAL B 63 -9.40 14.59 0.98
CA VAL B 63 -8.01 14.81 1.34
C VAL B 63 -7.08 13.75 0.75
N LEU B 64 -7.52 12.50 0.79
CA LEU B 64 -6.71 11.42 0.24
C LEU B 64 -6.94 11.28 -1.26
N SER B 65 -7.78 12.16 -1.81
CA SER B 65 -8.16 12.10 -3.22
C SER B 65 -8.65 10.71 -3.63
N LEU B 66 -9.59 10.16 -2.88
CA LEU B 66 -10.17 8.87 -3.21
C LEU B 66 -11.67 8.97 -3.45
N GLU B 67 -12.21 10.18 -3.32
CA GLU B 67 -13.65 10.36 -3.29
C GLU B 67 -14.39 9.92 -4.55
N ASP B 68 -13.70 9.82 -5.68
CA ASP B 68 -14.36 9.39 -6.92
C ASP B 68 -14.28 7.88 -7.13
N GLU B 69 -13.61 7.17 -6.23
CA GLU B 69 -13.50 5.71 -6.37
C GLU B 69 -13.80 4.96 -5.08
N PHE B 70 -14.08 5.71 -4.01
CA PHE B 70 -14.31 5.11 -2.70
C PHE B 70 -15.26 5.97 -1.88
N LYS B 71 -16.04 5.35 -0.99
CA LYS B 71 -16.93 6.09 -0.11
C LYS B 71 -17.01 5.44 1.27
N LEU B 72 -17.41 6.22 2.28
CA LEU B 72 -17.42 5.75 3.66
C LEU B 72 -18.24 4.48 3.85
N GLU B 73 -19.30 4.36 3.06
CA GLU B 73 -20.22 3.21 3.15
C GLU B 73 -19.52 1.90 2.85
N GLU B 74 -18.41 1.97 2.11
CA GLU B 74 -17.70 0.75 1.70
C GLU B 74 -16.69 0.32 2.76
N ILE B 75 -16.47 1.16 3.76
CA ILE B 75 -15.58 0.77 4.85
C ILE B 75 -16.34 -0.18 5.76
N GLN B 76 -15.84 -1.40 5.87
CA GLN B 76 -16.56 -2.47 6.56
C GLN B 76 -15.98 -2.71 7.93
N GLU B 77 -16.64 -3.56 8.70
CA GLU B 77 -15.99 -4.22 9.81
C GLU B 77 -14.94 -5.11 9.15
N ASN B 78 -13.74 -5.17 9.71
CA ASN B 78 -12.65 -5.99 9.14
C ASN B 78 -12.38 -5.64 7.69
N ASN B 79 -12.05 -4.38 7.43
CA ASN B 79 -11.82 -3.93 6.07
C ASN B 79 -10.41 -4.38 5.65
N ASP B 80 -10.26 -4.83 4.42
CA ASP B 80 -8.93 -5.21 3.96
C ASP B 80 -8.13 -3.96 3.60
N SER B 81 -6.81 -4.09 3.53
CA SER B 81 -5.96 -2.95 3.22
C SER B 81 -5.90 -2.68 1.72
N PHE B 82 -5.47 -1.47 1.37
CA PHE B 82 -5.23 -1.09 -0.02
C PHE B 82 -3.79 -0.60 -0.11
N LEU B 83 -3.13 -0.89 -1.22
CA LEU B 83 -1.87 -0.21 -1.52
C LEU B 83 -2.17 1.08 -2.25
N LEU B 84 -1.54 2.17 -1.83
CA LEU B 84 -1.86 3.48 -2.38
C LEU B 84 -0.59 4.27 -2.57
N ASP B 85 -0.44 4.82 -3.77
CA ASP B 85 0.71 5.67 -4.07
C ASP B 85 0.39 7.04 -3.54
N LEU B 86 1.18 7.49 -2.58
CA LEU B 86 0.98 8.83 -2.01
C LEU B 86 1.93 9.82 -2.68
N GLY B 91 6.48 9.45 -4.58
CA GLY B 91 7.72 8.88 -4.11
C GLY B 91 7.55 7.97 -2.90
N LEU B 92 6.30 7.63 -2.60
CA LEU B 92 5.95 6.89 -1.38
C LEU B 92 4.74 5.99 -1.61
N ILE B 93 4.85 4.72 -1.19
CA ILE B 93 3.71 3.81 -1.27
C ILE B 93 3.27 3.39 0.13
N ALA B 94 1.97 3.48 0.38
CA ALA B 94 1.46 3.12 1.70
C ALA B 94 0.48 1.95 1.61
N ARG B 95 0.56 1.07 2.60
CA ARG B 95 -0.54 0.15 2.88
C ARG B 95 -1.53 0.88 3.81
N VAL B 96 -2.74 1.10 3.33
CA VAL B 96 -3.73 1.89 4.04
C VAL B 96 -4.83 1.01 4.63
N ASN B 97 -5.04 1.10 5.94
CA ASN B 97 -6.11 0.37 6.62
C ASN B 97 -7.21 1.30 7.07
N PHE B 98 -8.37 1.23 6.41
CA PHE B 98 -9.53 1.98 6.87
C PHE B 98 -10.29 1.16 7.91
N SER B 99 -10.91 1.82 8.88
CA SER B 99 -11.83 1.15 9.80
C SER B 99 -12.88 2.13 10.30
N THR B 100 -13.97 1.60 10.84
CA THR B 100 -14.98 2.42 11.47
C THR B 100 -14.67 2.51 12.95
N ILE B 101 -15.10 3.59 13.59
CA ILE B 101 -15.07 3.68 15.03
C ILE B 101 -16.53 3.48 15.43
N VAL B 102 -16.79 2.58 16.36
CA VAL B 102 -18.17 2.31 16.77
C VAL B 102 -18.33 2.46 18.27
N GLN B 103 -19.52 2.86 18.72
CA GLN B 103 -19.79 2.95 20.15
C GLN B 103 -20.38 1.63 20.66
N GLU B 104 -20.97 1.66 21.87
CA GLU B 104 -21.31 0.41 22.57
C GLU B 104 -22.33 -0.46 21.84
N THR B 105 -23.21 0.17 21.07
CA THR B 105 -24.24 -0.59 20.38
C THR B 105 -23.93 -0.84 18.91
N GLY B 106 -22.71 -0.47 18.50
CA GLY B 106 -22.27 -0.83 17.17
C GLY B 106 -22.57 0.24 16.13
N PHE B 107 -22.98 1.42 16.57
CA PHE B 107 -23.19 2.51 15.65
C PHE B 107 -21.87 3.22 15.31
N VAL B 108 -21.67 3.49 14.03
CA VAL B 108 -20.47 4.18 13.58
C VAL B 108 -20.47 5.62 14.11
N THR B 109 -19.38 5.99 14.79
CA THR B 109 -19.21 7.36 15.27
C THR B 109 -18.04 8.08 14.59
N GLY B 110 -17.32 7.35 13.73
CA GLY B 110 -16.22 7.98 13.00
C GLY B 110 -15.46 6.96 12.19
N TYR B 111 -14.33 7.39 11.63
CA TYR B 111 -13.51 6.48 10.82
C TYR B 111 -12.03 6.71 11.12
N ILE B 112 -11.22 5.69 10.87
CA ILE B 112 -9.78 5.78 11.03
C ILE B 112 -9.09 5.32 9.73
N ALA B 113 -8.00 5.98 9.37
CA ALA B 113 -7.09 5.50 8.34
C ALA B 113 -5.72 5.39 8.97
N VAL B 114 -5.12 4.20 8.91
CA VAL B 114 -3.73 4.03 9.31
C VAL B 114 -2.91 3.85 8.03
N LEU B 115 -1.86 4.67 7.87
CA LEU B 115 -1.08 4.66 6.64
C LEU B 115 0.29 4.07 6.94
N HIS B 116 0.52 2.85 6.45
CA HIS B 116 1.79 2.16 6.67
C HIS B 116 2.72 2.32 5.47
N ASP B 117 3.84 3.00 5.69
CA ASP B 117 4.89 3.09 4.66
C ASP B 117 5.35 1.64 4.40
N VAL B 118 5.30 1.20 3.14
CA VAL B 118 5.72 -0.17 2.83
C VAL B 118 7.20 -0.40 3.16
N THR B 119 7.96 0.67 3.35
CA THR B 119 9.36 0.53 3.76
C THR B 119 9.62 0.69 5.25
N GLU B 120 8.58 0.83 6.06
CA GLU B 120 8.81 1.00 7.49
C GLU B 120 9.47 -0.24 8.08
N GLN B 121 10.23 -0.05 9.15
CA GLN B 121 10.89 -1.17 9.80
C GLN B 121 9.93 -2.01 10.62
ZN ZN C . 2.02 -12.06 2.71
ZN ZN D . 2.74 0.56 10.18
#